data_7FIO
#
_entry.id   7FIO
#
_cell.length_a   49.597
_cell.length_b   52.677
_cell.length_c   156.968
_cell.angle_alpha   90.000
_cell.angle_beta   90.000
_cell.angle_gamma   90.000
#
_symmetry.space_group_name_H-M   'P 21 21 21'
#
loop_
_entity.id
_entity.type
_entity.pdbx_description
1 polymer 'PA-I galactophilic lectin'
2 non-polymer 'CALCIUM ION'
3 non-polymer N-[2-[4-[(2S)-3-(2-hydroxyethylamino)-3-oxidanylidene-2-(2-phenoxyethanoylamino)propyl]-1,2,3-triazol-1-yl]ethyl]-4-[(2S,3R,4S,5R,6R)-6-(hydroxymethyl)-3,4,5-tris(oxidanyl)oxan-2-yl]sulfanyl-benzamide
4 non-polymer 1,2-ETHANEDIOL
5 water water
#
_entity_poly.entity_id   1
_entity_poly.type   'polypeptide(L)'
_entity_poly.pdbx_seq_one_letter_code
;AWKGEVLANNEAGQVTSIIYNPGDVITIVAAGWASYGPTQKWGPQGDREHPDQGLICHDAFCGALVMKIGNSGTIPVNTG
LFRWVAPNNVQGAITLIYNDVPGTYGNNSGSFSVNIGKDQS
;
_entity_poly.pdbx_strand_id   A,B,C,D
#
# COMPACT_ATOMS: atom_id res chain seq x y z
N ALA A 1 0.94 -8.90 7.06
CA ALA A 1 0.34 -9.90 6.17
C ALA A 1 0.39 -11.29 6.84
N TRP A 2 -0.33 -12.25 6.30
CA TRP A 2 -0.36 -13.64 6.77
C TRP A 2 -0.20 -14.54 5.56
N LYS A 3 0.58 -15.63 5.68
CA LYS A 3 0.67 -16.67 4.69
C LYS A 3 0.54 -18.02 5.39
N GLY A 4 -0.22 -18.92 4.88
CA GLY A 4 -0.33 -20.26 5.44
C GLY A 4 -1.10 -21.20 4.57
N GLU A 5 -1.30 -22.39 5.08
CA GLU A 5 -2.06 -23.44 4.39
C GLU A 5 -3.37 -23.68 5.15
N VAL A 6 -4.38 -24.01 4.42
CA VAL A 6 -5.69 -24.41 4.93
C VAL A 6 -5.86 -25.86 4.49
N LEU A 7 -5.91 -26.78 5.44
CA LEU A 7 -6.12 -28.22 5.08
C LEU A 7 -7.58 -28.49 4.80
N ALA A 8 -7.85 -29.29 3.78
CA ALA A 8 -9.23 -29.59 3.40
C ALA A 8 -9.94 -30.42 4.51
N ASN A 9 -9.18 -31.20 5.24
CA ASN A 9 -9.79 -32.13 6.24
C ASN A 9 -9.91 -31.45 7.60
N ASN A 10 -9.64 -30.15 7.71
CA ASN A 10 -9.73 -29.41 8.98
C ASN A 10 -11.13 -28.78 9.07
N GLU A 11 -12.05 -29.40 9.79
CA GLU A 11 -13.43 -28.88 9.89
C GLU A 11 -13.46 -27.52 10.61
N ALA A 12 -12.52 -27.29 11.48
CA ALA A 12 -12.47 -26.07 12.33
C ALA A 12 -12.00 -24.89 11.47
N GLY A 13 -11.30 -25.18 10.38
CA GLY A 13 -10.59 -24.16 9.61
C GLY A 13 -9.33 -23.69 10.28
N GLN A 14 -8.64 -22.80 9.58
CA GLN A 14 -7.34 -22.26 9.96
C GLN A 14 -7.54 -20.81 10.42
N VAL A 15 -7.40 -20.54 11.72
N VAL A 15 -7.39 -20.55 11.72
CA VAL A 15 -7.45 -19.14 12.22
CA VAL A 15 -7.40 -19.15 12.24
C VAL A 15 -6.16 -18.45 11.76
C VAL A 15 -6.15 -18.46 11.75
N THR A 16 -6.29 -17.26 11.19
CA THR A 16 -5.15 -16.47 10.74
C THR A 16 -4.78 -15.42 11.79
N SER A 17 -3.68 -14.70 11.54
CA SER A 17 -3.22 -13.57 12.38
C SER A 17 -3.98 -12.26 12.04
N ILE A 18 -4.82 -12.29 11.00
CA ILE A 18 -5.42 -11.02 10.50
C ILE A 18 -6.71 -10.79 11.30
N ILE A 19 -6.77 -9.64 11.92
N ILE A 19 -6.78 -9.64 11.93
CA ILE A 19 -8.02 -9.12 12.55
CA ILE A 19 -8.03 -9.14 12.55
C ILE A 19 -8.58 -8.10 11.57
C ILE A 19 -8.59 -8.09 11.60
N TYR A 20 -9.71 -8.39 10.97
CA TYR A 20 -10.40 -7.44 10.07
C TYR A 20 -11.09 -6.35 10.94
N ASN A 21 -10.69 -5.12 10.76
CA ASN A 21 -11.28 -3.97 11.52
C ASN A 21 -12.10 -3.11 10.56
N PRO A 22 -13.08 -2.35 11.10
CA PRO A 22 -13.88 -1.47 10.27
C PRO A 22 -13.03 -0.58 9.39
N GLY A 23 -13.38 -0.54 8.12
CA GLY A 23 -12.72 0.30 7.12
C GLY A 23 -11.56 -0.42 6.45
N ASP A 24 -11.20 -1.60 6.93
CA ASP A 24 -10.00 -2.24 6.34
C ASP A 24 -10.28 -2.66 4.90
N VAL A 25 -9.28 -2.57 4.07
CA VAL A 25 -9.29 -3.09 2.69
C VAL A 25 -8.36 -4.29 2.69
N ILE A 26 -8.77 -5.43 2.17
CA ILE A 26 -7.88 -6.62 2.20
C ILE A 26 -7.77 -7.22 0.79
N THR A 27 -6.67 -7.89 0.60
CA THR A 27 -6.42 -8.76 -0.53
C THR A 27 -6.19 -10.17 -0.04
N ILE A 28 -6.78 -11.13 -0.71
CA ILE A 28 -6.55 -12.58 -0.47
C ILE A 28 -6.21 -13.21 -1.80
N VAL A 29 -5.16 -14.02 -1.88
CA VAL A 29 -4.92 -14.89 -3.05
C VAL A 29 -4.84 -16.32 -2.52
N ALA A 30 -5.52 -17.22 -3.17
CA ALA A 30 -5.56 -18.64 -2.76
C ALA A 30 -5.19 -19.51 -3.95
N ALA A 31 -4.44 -20.57 -3.67
CA ALA A 31 -3.91 -21.46 -4.74
C ALA A 31 -3.88 -22.89 -4.20
N GLY A 32 -3.85 -23.83 -5.12
CA GLY A 32 -3.66 -25.24 -4.77
C GLY A 32 -4.79 -26.13 -5.12
N TRP A 33 -4.67 -27.37 -4.62
CA TRP A 33 -5.50 -28.51 -5.03
C TRP A 33 -5.97 -29.31 -3.81
N ALA A 34 -7.22 -29.59 -3.78
CA ALA A 34 -7.83 -30.30 -2.64
C ALA A 34 -9.01 -31.11 -3.09
N SER A 35 -9.37 -32.08 -2.24
CA SER A 35 -10.54 -32.92 -2.47
C SER A 35 -11.39 -33.03 -1.18
N TYR A 36 -12.65 -33.09 -1.39
CA TYR A 36 -13.69 -33.38 -0.38
C TYR A 36 -13.93 -34.91 -0.28
N GLY A 37 -13.11 -35.74 -0.93
CA GLY A 37 -13.31 -37.21 -0.79
C GLY A 37 -12.93 -37.97 -2.08
N PRO A 38 -13.48 -37.60 -3.24
CA PRO A 38 -13.10 -38.27 -4.50
C PRO A 38 -11.62 -38.18 -4.89
N THR A 39 -11.18 -39.02 -5.83
CA THR A 39 -9.78 -39.06 -6.23
C THR A 39 -9.41 -37.75 -6.94
N GLN A 40 -10.36 -37.12 -7.61
CA GLN A 40 -10.09 -35.84 -8.33
C GLN A 40 -9.71 -34.77 -7.29
N LYS A 41 -8.96 -33.76 -7.72
CA LYS A 41 -8.78 -32.52 -6.89
C LYS A 41 -9.33 -31.34 -7.65
N TRP A 42 -9.71 -30.32 -6.89
CA TRP A 42 -10.27 -29.08 -7.40
C TRP A 42 -9.51 -27.90 -6.78
N GLY A 43 -9.54 -26.77 -7.51
CA GLY A 43 -8.94 -25.53 -7.04
C GLY A 43 -9.85 -24.89 -6.00
N PRO A 44 -9.50 -23.65 -5.62
CA PRO A 44 -10.21 -22.95 -4.55
C PRO A 44 -11.60 -22.47 -4.87
N GLN A 45 -12.07 -22.60 -6.11
CA GLN A 45 -13.49 -22.42 -6.43
C GLN A 45 -14.31 -23.70 -6.21
N GLY A 46 -13.65 -24.81 -6.01
CA GLY A 46 -14.33 -26.09 -5.71
C GLY A 46 -14.85 -26.77 -6.95
N ASP A 47 -15.86 -27.64 -6.78
CA ASP A 47 -16.44 -28.48 -7.83
C ASP A 47 -17.79 -27.91 -8.26
N ARG A 48 -17.83 -27.28 -9.45
CA ARG A 48 -19.00 -26.57 -9.94
C ARG A 48 -20.16 -27.51 -10.30
N GLU A 49 -19.91 -28.79 -10.37
CA GLU A 49 -20.96 -29.77 -10.77
C GLU A 49 -21.57 -30.45 -9.54
N HIS A 50 -21.05 -30.20 -8.34
CA HIS A 50 -21.45 -30.99 -7.15
C HIS A 50 -22.65 -30.35 -6.46
N PRO A 51 -23.68 -31.14 -6.08
CA PRO A 51 -24.85 -30.59 -5.43
C PRO A 51 -24.49 -30.21 -3.99
N ASP A 52 -25.23 -29.27 -3.46
CA ASP A 52 -25.11 -28.82 -2.05
C ASP A 52 -25.98 -29.73 -1.16
N GLN A 53 -25.35 -30.54 -0.37
CA GLN A 53 -26.02 -31.48 0.57
C GLN A 53 -25.87 -31.00 2.01
N GLY A 54 -25.83 -29.68 2.22
CA GLY A 54 -25.66 -29.10 3.58
C GLY A 54 -24.28 -28.51 3.83
N LEU A 55 -23.75 -27.81 2.85
CA LEU A 55 -22.40 -27.18 3.00
C LEU A 55 -22.40 -26.10 4.09
N ILE A 56 -21.24 -25.83 4.67
CA ILE A 56 -21.11 -24.68 5.63
C ILE A 56 -21.28 -23.33 4.91
N CYS A 57 -21.13 -23.27 3.60
CA CYS A 57 -21.40 -22.03 2.83
C CYS A 57 -22.23 -22.39 1.60
N HIS A 58 -23.48 -22.00 1.57
CA HIS A 58 -24.38 -22.35 0.44
C HIS A 58 -24.07 -21.46 -0.78
N ASP A 59 -23.24 -20.43 -0.61
CA ASP A 59 -22.96 -19.44 -1.68
C ASP A 59 -21.60 -19.73 -2.34
N ALA A 60 -21.05 -20.91 -2.13
CA ALA A 60 -19.80 -21.35 -2.77
C ALA A 60 -19.92 -22.83 -3.06
N PHE A 61 -19.22 -23.33 -4.06
CA PHE A 61 -19.25 -24.78 -4.36
C PHE A 61 -18.62 -25.58 -3.23
N CYS A 62 -18.97 -26.87 -3.18
CA CYS A 62 -18.23 -27.86 -2.38
C CYS A 62 -16.77 -27.85 -2.78
N GLY A 63 -15.84 -27.74 -1.84
CA GLY A 63 -14.41 -27.75 -2.11
C GLY A 63 -13.84 -26.37 -2.35
N ALA A 64 -14.68 -25.35 -2.22
CA ALA A 64 -14.26 -23.93 -2.35
C ALA A 64 -13.66 -23.47 -1.04
N LEU A 65 -12.81 -22.46 -1.12
CA LEU A 65 -12.33 -21.77 0.08
C LEU A 65 -13.33 -20.69 0.51
N VAL A 66 -13.66 -20.72 1.80
CA VAL A 66 -14.55 -19.70 2.42
C VAL A 66 -13.90 -19.20 3.69
N MET A 67 -14.51 -18.19 4.29
CA MET A 67 -13.94 -17.63 5.53
C MET A 67 -15.09 -17.25 6.47
N LYS A 68 -14.68 -17.03 7.71
CA LYS A 68 -15.52 -16.27 8.67
C LYS A 68 -14.67 -15.15 9.21
N ILE A 69 -15.30 -14.01 9.46
CA ILE A 69 -14.64 -12.87 10.09
C ILE A 69 -15.28 -12.68 11.44
N GLY A 70 -14.56 -12.93 12.52
CA GLY A 70 -15.18 -12.90 13.86
C GLY A 70 -16.39 -13.78 13.96
N ASN A 71 -17.54 -13.21 14.30
CA ASN A 71 -18.78 -14.00 14.47
C ASN A 71 -19.59 -14.13 13.19
N SER A 72 -19.06 -13.76 12.02
CA SER A 72 -19.86 -13.71 10.81
C SER A 72 -20.27 -15.15 10.45
N GLY A 73 -21.23 -15.20 9.57
CA GLY A 73 -21.49 -16.41 8.76
C GLY A 73 -20.38 -16.60 7.77
N THR A 74 -20.39 -17.74 7.08
CA THR A 74 -19.38 -18.01 6.04
C THR A 74 -19.55 -17.02 4.89
N ILE A 75 -18.40 -16.63 4.34
CA ILE A 75 -18.29 -15.67 3.23
C ILE A 75 -17.39 -16.34 2.17
N PRO A 76 -17.81 -16.45 0.90
CA PRO A 76 -16.97 -17.03 -0.13
C PRO A 76 -15.66 -16.29 -0.29
N VAL A 77 -14.57 -17.04 -0.48
CA VAL A 77 -13.27 -16.46 -0.85
C VAL A 77 -12.91 -16.94 -2.26
N ASN A 78 -13.11 -18.23 -2.53
CA ASN A 78 -12.78 -18.76 -3.86
C ASN A 78 -11.29 -18.51 -4.12
N THR A 79 -10.89 -17.99 -5.30
CA THR A 79 -9.49 -17.74 -5.63
C THR A 79 -8.93 -16.57 -4.86
N GLY A 80 -9.75 -15.73 -4.27
CA GLY A 80 -9.31 -14.55 -3.54
C GLY A 80 -10.20 -13.36 -3.67
N LEU A 81 -9.73 -12.28 -3.10
CA LEU A 81 -10.44 -11.02 -2.96
C LEU A 81 -9.49 -9.90 -3.30
N PHE A 82 -9.86 -9.00 -4.17
CA PHE A 82 -8.99 -7.90 -4.65
C PHE A 82 -9.43 -6.58 -4.03
N ARG A 83 -8.69 -6.05 -3.08
CA ARG A 83 -8.99 -4.74 -2.51
C ARG A 83 -10.43 -4.66 -2.05
N TRP A 84 -10.77 -5.60 -1.19
CA TRP A 84 -12.13 -5.90 -0.75
C TRP A 84 -12.41 -5.29 0.62
N VAL A 85 -13.62 -4.78 0.77
CA VAL A 85 -14.13 -4.28 2.06
C VAL A 85 -15.28 -5.17 2.48
N ALA A 86 -15.32 -5.52 3.75
CA ALA A 86 -16.37 -6.36 4.33
C ALA A 86 -17.65 -5.55 4.41
N PRO A 87 -18.80 -6.28 4.53
CA PRO A 87 -20.06 -5.64 4.86
C PRO A 87 -19.86 -4.87 6.16
N ASN A 88 -20.63 -3.82 6.35
CA ASN A 88 -20.65 -3.10 7.62
C ASN A 88 -21.02 -4.10 8.73
N ASN A 89 -20.49 -3.84 9.91
CA ASN A 89 -20.76 -4.60 11.15
C ASN A 89 -19.98 -5.90 11.19
N VAL A 90 -19.20 -6.21 10.18
CA VAL A 90 -18.39 -7.47 10.13
C VAL A 90 -16.98 -7.12 10.57
N GLN A 91 -16.53 -7.78 11.62
CA GLN A 91 -15.13 -7.55 12.12
C GLN A 91 -14.68 -8.70 12.99
N GLY A 92 -13.36 -8.80 13.16
CA GLY A 92 -12.75 -9.85 13.94
C GLY A 92 -11.76 -10.71 13.18
N ALA A 93 -11.27 -11.74 13.88
CA ALA A 93 -10.23 -12.61 13.27
C ALA A 93 -10.74 -13.27 12.01
N ILE A 94 -9.92 -13.37 11.00
CA ILE A 94 -10.24 -14.16 9.79
C ILE A 94 -9.90 -15.61 10.02
N THR A 95 -10.87 -16.49 9.85
CA THR A 95 -10.67 -17.96 9.83
C THR A 95 -10.97 -18.46 8.42
N LEU A 96 -10.05 -19.20 7.84
CA LEU A 96 -10.20 -19.77 6.49
C LEU A 96 -10.70 -21.20 6.66
N ILE A 97 -11.68 -21.59 5.86
CA ILE A 97 -12.26 -22.96 5.99
C ILE A 97 -12.47 -23.52 4.60
N TYR A 98 -12.16 -24.80 4.45
CA TYR A 98 -12.62 -25.59 3.28
C TYR A 98 -14.11 -25.82 3.32
N ASN A 99 -14.83 -25.66 2.23
CA ASN A 99 -16.30 -25.79 2.17
C ASN A 99 -16.71 -27.25 1.99
N ASP A 100 -17.19 -27.89 3.06
CA ASP A 100 -17.70 -29.30 2.95
C ASP A 100 -18.89 -29.40 3.94
N VAL A 101 -19.51 -30.56 4.01
CA VAL A 101 -20.64 -30.84 4.92
C VAL A 101 -20.09 -31.19 6.28
N PRO A 102 -20.61 -30.56 7.36
CA PRO A 102 -20.21 -30.95 8.71
C PRO A 102 -20.27 -32.47 8.95
N GLY A 103 -19.22 -32.98 9.54
CA GLY A 103 -19.05 -34.40 9.87
C GLY A 103 -18.44 -35.18 8.74
N THR A 104 -18.14 -34.55 7.58
CA THR A 104 -17.66 -35.31 6.39
C THR A 104 -16.24 -34.91 6.03
N TYR A 105 -15.50 -34.23 6.91
CA TYR A 105 -14.17 -33.69 6.55
C TYR A 105 -13.09 -34.74 6.64
N GLY A 106 -13.31 -35.88 7.32
CA GLY A 106 -12.18 -36.80 7.57
C GLY A 106 -11.65 -37.52 6.33
N ASN A 107 -12.42 -37.61 5.26
CA ASN A 107 -11.90 -38.22 4.00
C ASN A 107 -11.33 -37.15 3.04
N ASN A 108 -11.13 -35.94 3.52
CA ASN A 108 -10.63 -34.86 2.60
C ASN A 108 -9.12 -34.92 2.45
N SER A 109 -8.57 -34.31 1.40
CA SER A 109 -7.11 -34.27 1.29
C SER A 109 -6.66 -33.02 0.53
N GLY A 110 -5.37 -32.77 0.64
CA GLY A 110 -4.70 -31.61 0.07
C GLY A 110 -5.08 -30.37 0.87
N SER A 111 -4.80 -29.23 0.27
CA SER A 111 -4.81 -27.96 1.02
C SER A 111 -4.82 -26.83 0.00
N PHE A 112 -5.08 -25.63 0.50
CA PHE A 112 -4.82 -24.41 -0.28
C PHE A 112 -3.77 -23.61 0.44
N SER A 113 -2.92 -22.96 -0.35
CA SER A 113 -1.93 -21.98 0.06
C SER A 113 -2.60 -20.60 -0.04
N VAL A 114 -2.52 -19.79 1.02
CA VAL A 114 -3.29 -18.54 1.05
C VAL A 114 -2.41 -17.43 1.58
N ASN A 115 -2.48 -16.28 0.91
CA ASN A 115 -1.87 -15.02 1.34
C ASN A 115 -2.97 -14.03 1.66
N ILE A 116 -2.85 -13.31 2.77
CA ILE A 116 -3.79 -12.22 3.13
C ILE A 116 -2.99 -11.01 3.48
N GLY A 117 -3.40 -9.87 3.02
CA GLY A 117 -2.81 -8.62 3.44
C GLY A 117 -3.79 -7.50 3.50
N LYS A 118 -3.47 -6.49 4.26
CA LYS A 118 -4.24 -5.26 4.30
C LYS A 118 -3.67 -4.27 3.29
N ASP A 119 -4.56 -3.52 2.68
CA ASP A 119 -4.29 -2.59 1.59
C ASP A 119 -4.36 -1.15 2.09
N GLN A 120 -3.89 -0.24 1.26
CA GLN A 120 -3.99 1.21 1.46
C GLN A 120 -5.43 1.61 1.63
N SER A 121 -5.70 2.56 2.54
CA SER A 121 -7.03 3.21 2.62
C SER A 121 -6.83 4.66 3.09
N ALA B 1 -5.29 0.86 -11.83
CA ALA B 1 -5.68 -0.59 -11.79
C ALA B 1 -6.43 -0.98 -13.08
N TRP B 2 -6.44 -2.28 -13.35
CA TRP B 2 -7.13 -2.82 -14.55
C TRP B 2 -8.07 -3.89 -14.09
N LYS B 3 -9.29 -3.89 -14.57
CA LYS B 3 -10.27 -4.91 -14.28
C LYS B 3 -10.99 -5.31 -15.53
N GLY B 4 -11.09 -6.61 -15.84
CA GLY B 4 -11.65 -7.00 -17.12
C GLY B 4 -11.80 -8.50 -17.14
N GLU B 5 -11.92 -9.02 -18.31
CA GLU B 5 -12.12 -10.43 -18.57
C GLU B 5 -11.17 -10.86 -19.68
N VAL B 6 -10.67 -12.10 -19.56
CA VAL B 6 -9.76 -12.73 -20.52
C VAL B 6 -10.54 -13.89 -21.14
N LEU B 7 -10.80 -13.80 -22.45
CA LEU B 7 -11.61 -14.86 -23.13
C LEU B 7 -10.69 -16.03 -23.45
N ALA B 8 -11.19 -17.23 -23.25
CA ALA B 8 -10.41 -18.46 -23.46
C ALA B 8 -10.09 -18.64 -24.95
N ASN B 9 -10.96 -18.15 -25.83
CA ASN B 9 -10.81 -18.36 -27.29
C ASN B 9 -9.98 -17.23 -27.91
N ASN B 10 -9.43 -16.31 -27.12
CA ASN B 10 -8.63 -15.17 -27.65
C ASN B 10 -7.15 -15.52 -27.68
N GLU B 11 -6.62 -15.97 -28.81
CA GLU B 11 -5.23 -16.43 -28.92
C GLU B 11 -4.26 -15.29 -28.62
N ALA B 12 -4.62 -14.09 -28.99
CA ALA B 12 -3.75 -12.91 -28.94
C ALA B 12 -3.71 -12.42 -27.50
N GLY B 13 -4.65 -12.82 -26.68
CA GLY B 13 -4.69 -12.40 -25.27
C GLY B 13 -5.24 -11.00 -25.17
N GLN B 14 -5.24 -10.53 -23.95
CA GLN B 14 -5.91 -9.30 -23.53
C GLN B 14 -4.82 -8.33 -23.11
N VAL B 15 -4.52 -7.30 -23.92
CA VAL B 15 -3.51 -6.28 -23.54
C VAL B 15 -4.14 -5.36 -22.52
N THR B 16 -3.53 -5.26 -21.34
CA THR B 16 -3.98 -4.43 -20.22
C THR B 16 -3.33 -3.06 -20.25
N SER B 17 -3.88 -2.20 -19.41
CA SER B 17 -3.40 -0.82 -19.16
C SER B 17 -2.23 -0.81 -18.17
N ILE B 18 -1.84 -1.95 -17.61
CA ILE B 18 -0.76 -1.97 -16.60
C ILE B 18 0.58 -2.04 -17.32
N ILE B 19 1.41 -1.02 -17.21
CA ILE B 19 2.80 -1.04 -17.76
C ILE B 19 3.68 -1.38 -16.58
N TYR B 20 4.20 -2.59 -16.56
CA TYR B 20 5.06 -3.06 -15.45
C TYR B 20 6.44 -2.44 -15.65
N ASN B 21 6.87 -1.67 -14.67
CA ASN B 21 8.19 -1.00 -14.68
C ASN B 21 9.08 -1.65 -13.66
N PRO B 22 10.41 -1.56 -13.88
CA PRO B 22 11.35 -2.12 -12.91
C PRO B 22 11.03 -1.66 -11.48
N GLY B 23 11.04 -2.64 -10.59
CA GLY B 23 10.78 -2.42 -9.15
C GLY B 23 9.31 -2.50 -8.80
N ASP B 24 8.42 -2.50 -9.79
CA ASP B 24 6.98 -2.48 -9.43
C ASP B 24 6.61 -3.74 -8.66
N VAL B 25 5.66 -3.59 -7.75
CA VAL B 25 5.02 -4.72 -7.03
C VAL B 25 3.58 -4.78 -7.52
N ILE B 26 3.12 -5.92 -7.92
CA ILE B 26 1.74 -6.03 -8.41
C ILE B 26 0.97 -7.14 -7.68
N THR B 27 -0.33 -6.97 -7.73
CA THR B 27 -1.28 -8.00 -7.28
C THR B 27 -2.23 -8.29 -8.40
N ILE B 28 -2.44 -9.58 -8.65
CA ILE B 28 -3.42 -10.07 -9.62
C ILE B 28 -4.34 -11.03 -8.89
N VAL B 29 -5.66 -10.90 -9.06
CA VAL B 29 -6.62 -11.93 -8.62
C VAL B 29 -7.46 -12.33 -9.82
N ALA B 30 -7.56 -13.64 -10.09
CA ALA B 30 -8.26 -14.18 -11.24
C ALA B 30 -9.33 -15.16 -10.77
N ALA B 31 -10.48 -15.15 -11.42
CA ALA B 31 -11.59 -16.06 -11.08
C ALA B 31 -12.33 -16.48 -12.34
N GLY B 32 -13.09 -17.53 -12.24
CA GLY B 32 -14.07 -17.92 -13.27
C GLY B 32 -13.80 -19.31 -13.83
N TRP B 33 -14.44 -19.58 -14.96
CA TRP B 33 -14.48 -20.93 -15.56
C TRP B 33 -14.25 -20.85 -17.07
N ALA B 34 -13.42 -21.75 -17.57
CA ALA B 34 -13.13 -21.78 -19.02
C ALA B 34 -12.79 -23.21 -19.43
N SER B 35 -12.93 -23.47 -20.72
CA SER B 35 -12.50 -24.77 -21.31
C SER B 35 -11.64 -24.53 -22.55
N TYR B 36 -10.70 -25.41 -22.74
CA TYR B 36 -9.82 -25.47 -23.93
C TYR B 36 -10.46 -26.37 -24.99
N GLY B 37 -11.69 -26.82 -24.79
CA GLY B 37 -12.36 -27.67 -25.81
C GLY B 37 -13.31 -28.70 -25.19
N PRO B 38 -12.91 -29.46 -24.17
CA PRO B 38 -13.79 -30.42 -23.52
C PRO B 38 -15.04 -29.84 -22.87
N THR B 39 -15.99 -30.72 -22.55
CA THR B 39 -17.27 -30.35 -21.91
C THR B 39 -16.98 -29.66 -20.57
N GLN B 40 -16.01 -30.19 -19.82
CA GLN B 40 -15.74 -29.71 -18.44
C GLN B 40 -15.17 -28.29 -18.57
N LYS B 41 -15.30 -27.49 -17.52
CA LYS B 41 -14.56 -26.25 -17.38
C LYS B 41 -13.65 -26.35 -16.18
N TRP B 42 -12.61 -25.55 -16.23
CA TRP B 42 -11.60 -25.47 -15.19
C TRP B 42 -11.42 -24.03 -14.75
N GLY B 43 -10.96 -23.84 -13.50
CA GLY B 43 -10.66 -22.50 -13.00
C GLY B 43 -9.31 -22.04 -13.52
N PRO B 44 -8.81 -20.92 -12.99
CA PRO B 44 -7.61 -20.28 -13.53
C PRO B 44 -6.30 -21.03 -13.35
N GLN B 45 -6.29 -22.17 -12.60
CA GLN B 45 -5.11 -23.04 -12.52
C GLN B 45 -5.16 -24.06 -13.68
N GLY B 46 -6.27 -24.17 -14.39
CA GLY B 46 -6.39 -25.09 -15.56
C GLY B 46 -6.57 -26.52 -15.10
N ASP B 47 -6.34 -27.44 -16.02
CA ASP B 47 -6.58 -28.90 -15.85
C ASP B 47 -5.28 -29.60 -15.49
N ARG B 48 -5.17 -30.03 -14.22
CA ARG B 48 -3.91 -30.61 -13.71
C ARG B 48 -3.61 -31.94 -14.42
N GLU B 49 -4.58 -32.55 -15.07
CA GLU B 49 -4.36 -33.92 -15.66
C GLU B 49 -4.15 -33.82 -17.16
N HIS B 50 -4.06 -32.64 -17.73
CA HIS B 50 -3.93 -32.56 -19.22
C HIS B 50 -2.46 -32.58 -19.60
N PRO B 51 -2.05 -33.36 -20.63
CA PRO B 51 -0.64 -33.32 -21.05
C PRO B 51 -0.40 -31.99 -21.77
N ASP B 52 0.83 -31.55 -21.71
CA ASP B 52 1.32 -30.38 -22.45
C ASP B 52 1.72 -30.88 -23.85
N GLN B 53 0.95 -30.51 -24.85
CA GLN B 53 1.24 -30.86 -26.27
C GLN B 53 1.61 -29.61 -27.05
N GLY B 54 2.40 -28.72 -26.41
CA GLY B 54 2.88 -27.49 -27.05
C GLY B 54 2.11 -26.25 -26.57
N LEU B 55 1.87 -26.16 -25.27
CA LEU B 55 1.18 -24.95 -24.73
C LEU B 55 2.06 -23.71 -24.88
N ILE B 56 1.44 -22.52 -24.92
CA ILE B 56 2.18 -21.23 -24.91
C ILE B 56 2.97 -21.06 -23.60
N CYS B 57 2.55 -21.70 -22.51
CA CYS B 57 3.28 -21.66 -21.25
C CYS B 57 3.44 -23.07 -20.73
N HIS B 58 4.69 -23.54 -20.71
CA HIS B 58 4.99 -24.90 -20.27
C HIS B 58 4.94 -24.98 -18.74
N ASP B 59 4.83 -23.84 -18.05
CA ASP B 59 4.94 -23.78 -16.57
C ASP B 59 3.56 -23.66 -15.91
N ALA B 60 2.50 -23.84 -16.67
CA ALA B 60 1.14 -23.83 -16.12
C ALA B 60 0.40 -24.92 -16.86
N PHE B 61 -0.67 -25.38 -16.27
CA PHE B 61 -1.52 -26.38 -16.93
C PHE B 61 -2.24 -25.79 -18.12
N CYS B 62 -2.65 -26.68 -19.02
CA CYS B 62 -3.62 -26.31 -20.08
C CYS B 62 -4.89 -25.72 -19.44
N GLY B 63 -5.32 -24.53 -19.91
CA GLY B 63 -6.49 -23.86 -19.36
C GLY B 63 -6.18 -22.92 -18.23
N ALA B 64 -4.93 -22.77 -17.84
CA ALA B 64 -4.50 -21.81 -16.79
C ALA B 64 -4.45 -20.40 -17.37
N LEU B 65 -4.54 -19.42 -16.49
CA LEU B 65 -4.22 -18.03 -16.86
C LEU B 65 -2.74 -17.80 -16.80
N VAL B 66 -2.21 -17.21 -17.87
CA VAL B 66 -0.79 -16.82 -17.94
C VAL B 66 -0.68 -15.39 -18.45
N MET B 67 0.53 -14.88 -18.46
CA MET B 67 0.75 -13.50 -18.96
C MET B 67 2.07 -13.38 -19.66
N LYS B 68 2.22 -12.29 -20.36
CA LYS B 68 3.51 -11.74 -20.85
C LYS B 68 3.62 -10.31 -20.34
N ILE B 69 4.80 -9.90 -20.01
CA ILE B 69 5.10 -8.52 -19.64
C ILE B 69 5.99 -7.99 -20.77
N GLY B 70 5.51 -7.00 -21.52
CA GLY B 70 6.15 -6.61 -22.77
C GLY B 70 6.27 -7.81 -23.67
N ASN B 71 7.46 -8.02 -24.21
CA ASN B 71 7.66 -9.20 -25.09
C ASN B 71 8.42 -10.28 -24.31
N SER B 72 8.18 -10.43 -23.01
CA SER B 72 8.70 -11.57 -22.23
C SER B 72 8.12 -12.87 -22.75
N GLY B 73 8.70 -13.95 -22.30
CA GLY B 73 8.10 -15.27 -22.31
C GLY B 73 6.88 -15.29 -21.40
N THR B 74 6.09 -16.33 -21.52
CA THR B 74 4.89 -16.50 -20.72
C THR B 74 5.28 -16.79 -19.27
N ILE B 75 4.49 -16.22 -18.39
CA ILE B 75 4.67 -16.33 -16.93
C ILE B 75 3.35 -16.82 -16.34
N PRO B 76 3.32 -17.87 -15.52
CA PRO B 76 2.06 -18.33 -14.94
C PRO B 76 1.48 -17.28 -14.01
N VAL B 77 0.16 -17.15 -14.08
CA VAL B 77 -0.61 -16.30 -13.15
C VAL B 77 -1.52 -17.22 -12.30
N ASN B 78 -2.19 -18.19 -12.94
CA ASN B 78 -3.07 -19.10 -12.15
C ASN B 78 -4.12 -18.27 -11.43
N THR B 79 -4.40 -18.51 -10.13
CA THR B 79 -5.42 -17.75 -9.40
C THR B 79 -4.95 -16.31 -9.15
N GLY B 80 -3.65 -16.04 -9.24
CA GLY B 80 -3.17 -14.68 -8.93
C GLY B 80 -1.78 -14.66 -8.44
N LEU B 81 -1.34 -13.44 -8.23
CA LEU B 81 0.01 -13.10 -7.78
C LEU B 81 -0.13 -12.13 -6.63
N PHE B 82 0.46 -12.43 -5.48
CA PHE B 82 0.30 -11.57 -4.30
C PHE B 82 1.55 -10.76 -4.07
N ARG B 83 1.49 -9.44 -4.28
CA ARG B 83 2.63 -8.54 -3.98
C ARG B 83 3.91 -9.06 -4.64
N TRP B 84 3.81 -9.22 -5.93
CA TRP B 84 4.76 -9.95 -6.79
C TRP B 84 5.66 -8.99 -7.55
N VAL B 85 6.94 -9.34 -7.64
CA VAL B 85 7.94 -8.62 -8.47
C VAL B 85 8.38 -9.52 -9.63
N ALA B 86 8.49 -8.94 -10.82
CA ALA B 86 8.83 -9.69 -12.04
C ALA B 86 10.32 -10.01 -12.02
N PRO B 87 10.73 -11.02 -12.83
CA PRO B 87 12.16 -11.28 -13.06
C PRO B 87 12.90 -10.08 -13.65
N ASN B 88 14.20 -9.97 -13.35
CA ASN B 88 15.04 -8.87 -13.85
C ASN B 88 14.88 -8.79 -15.37
N ASN B 89 14.92 -7.57 -15.88
CA ASN B 89 14.95 -7.23 -17.31
C ASN B 89 13.54 -7.34 -17.90
N VAL B 90 12.51 -7.70 -17.10
CA VAL B 90 11.15 -7.89 -17.66
C VAL B 90 10.38 -6.58 -17.40
N GLN B 91 9.87 -5.95 -18.45
CA GLN B 91 9.09 -4.70 -18.32
C GLN B 91 8.20 -4.50 -19.56
N GLY B 92 7.15 -3.69 -19.41
CA GLY B 92 6.21 -3.42 -20.49
C GLY B 92 4.78 -3.75 -20.13
N ALA B 93 3.91 -3.60 -21.10
CA ALA B 93 2.48 -3.83 -20.87
C ALA B 93 2.24 -5.27 -20.43
N ILE B 94 1.32 -5.47 -19.48
CA ILE B 94 0.89 -6.85 -19.19
C ILE B 94 -0.16 -7.29 -20.19
N THR B 95 0.09 -8.42 -20.84
CA THR B 95 -0.87 -9.16 -21.66
C THR B 95 -1.32 -10.44 -20.94
N LEU B 96 -2.61 -10.55 -20.72
CA LEU B 96 -3.20 -11.76 -20.09
C LEU B 96 -3.61 -12.72 -21.18
N ILE B 97 -3.38 -14.01 -21.00
CA ILE B 97 -3.61 -15.01 -22.07
C ILE B 97 -4.07 -16.32 -21.44
N TYR B 98 -5.07 -16.92 -22.05
CA TYR B 98 -5.49 -18.31 -21.74
C TYR B 98 -4.42 -19.28 -22.25
N ASN B 99 -4.04 -20.28 -21.43
CA ASN B 99 -2.98 -21.23 -21.83
C ASN B 99 -3.55 -22.36 -22.69
N ASP B 100 -3.27 -22.31 -24.00
CA ASP B 100 -3.67 -23.42 -24.91
C ASP B 100 -2.57 -23.53 -25.98
N VAL B 101 -2.70 -24.54 -26.84
CA VAL B 101 -1.74 -24.77 -27.96
C VAL B 101 -2.07 -23.82 -29.09
N PRO B 102 -1.08 -23.10 -29.62
CA PRO B 102 -1.32 -22.19 -30.74
C PRO B 102 -2.02 -22.89 -31.91
N GLY B 103 -3.02 -22.22 -32.42
CA GLY B 103 -3.87 -22.71 -33.53
C GLY B 103 -5.05 -23.51 -33.03
N THR B 104 -5.18 -23.74 -31.71
CA THR B 104 -6.29 -24.59 -31.18
C THR B 104 -7.24 -23.77 -30.29
N TYR B 105 -7.22 -22.45 -30.37
CA TYR B 105 -8.04 -21.62 -29.46
C TYR B 105 -9.49 -21.52 -29.93
N GLY B 106 -9.76 -21.86 -31.21
CA GLY B 106 -11.12 -21.67 -31.76
C GLY B 106 -12.23 -22.45 -31.09
N ASN B 107 -11.94 -23.58 -30.46
CA ASN B 107 -12.97 -24.38 -29.80
C ASN B 107 -13.05 -24.07 -28.29
N ASN B 108 -12.39 -22.99 -27.87
CA ASN B 108 -12.37 -22.66 -26.41
C ASN B 108 -13.64 -21.96 -25.99
N SER B 109 -13.94 -21.95 -24.68
CA SER B 109 -15.13 -21.23 -24.24
C SER B 109 -14.91 -20.73 -22.79
N GLY B 110 -15.69 -19.76 -22.41
CA GLY B 110 -15.61 -19.16 -21.06
C GLY B 110 -14.54 -18.07 -21.04
N SER B 111 -14.27 -17.65 -19.81
CA SER B 111 -13.41 -16.48 -19.56
C SER B 111 -13.01 -16.48 -18.10
N PHE B 112 -11.95 -15.73 -17.81
CA PHE B 112 -11.63 -15.42 -16.43
C PHE B 112 -11.83 -13.93 -16.20
N SER B 113 -12.34 -13.61 -15.03
N SER B 113 -12.35 -13.61 -15.03
CA SER B 113 -12.43 -12.22 -14.50
CA SER B 113 -12.44 -12.22 -14.50
C SER B 113 -11.13 -11.92 -13.75
C SER B 113 -11.12 -11.93 -13.76
N VAL B 114 -10.50 -10.79 -14.05
CA VAL B 114 -9.15 -10.52 -13.57
C VAL B 114 -9.08 -9.06 -13.09
N ASN B 115 -8.49 -8.89 -11.93
CA ASN B 115 -8.13 -7.57 -11.40
C ASN B 115 -6.61 -7.50 -11.32
N ILE B 116 -6.01 -6.37 -11.70
CA ILE B 116 -4.55 -6.12 -11.50
C ILE B 116 -4.40 -4.76 -10.88
N GLY B 117 -3.50 -4.63 -9.93
CA GLY B 117 -3.15 -3.32 -9.40
C GLY B 117 -1.68 -3.27 -9.11
N LYS B 118 -1.17 -2.06 -9.04
CA LYS B 118 0.18 -1.83 -8.50
C LYS B 118 0.06 -1.60 -7.00
N ASP B 119 1.00 -2.15 -6.28
CA ASP B 119 1.01 -2.11 -4.81
C ASP B 119 2.06 -1.11 -4.32
N GLN B 120 2.02 -0.83 -3.02
N GLN B 120 2.02 -0.82 -3.03
CA GLN B 120 3.05 0.02 -2.39
CA GLN B 120 3.05 0.02 -2.41
C GLN B 120 4.42 -0.67 -2.57
C GLN B 120 4.41 -0.66 -2.58
N SER B 121 5.47 0.12 -2.77
CA SER B 121 6.84 -0.40 -2.91
C SER B 121 7.85 0.64 -2.45
N ALA C 1 11.35 1.39 -1.97
CA ALA C 1 11.40 2.71 -1.26
C ALA C 1 12.86 3.13 -1.12
N TRP C 2 13.10 4.41 -0.83
CA TRP C 2 14.44 4.98 -0.68
C TRP C 2 14.46 5.78 0.60
N LYS C 3 15.56 5.72 1.33
CA LYS C 3 15.76 6.58 2.51
C LYS C 3 17.18 7.11 2.46
N GLY C 4 17.35 8.40 2.70
CA GLY C 4 18.68 8.99 2.67
C GLY C 4 18.64 10.41 3.09
N GLU C 5 19.81 11.03 3.04
CA GLU C 5 20.03 12.40 3.51
C GLU C 5 20.41 13.27 2.30
N VAL C 6 20.00 14.51 2.36
CA VAL C 6 20.28 15.54 1.33
C VAL C 6 21.00 16.64 2.06
N LEU C 7 22.27 16.89 1.69
CA LEU C 7 23.01 18.01 2.31
C LEU C 7 22.56 19.37 1.77
N ALA C 8 22.46 20.34 2.64
CA ALA C 8 22.12 21.73 2.27
C ALA C 8 23.17 22.35 1.34
N ASN C 9 24.43 21.93 1.51
CA ASN C 9 25.55 22.53 0.74
C ASN C 9 25.78 21.80 -0.57
N ASN C 10 24.94 20.81 -0.90
CA ASN C 10 25.10 20.02 -2.15
C ASN C 10 24.34 20.70 -3.28
N GLU C 11 25.00 21.58 -4.04
CA GLU C 11 24.32 22.31 -5.11
C GLU C 11 23.81 21.36 -6.21
N ALA C 12 24.49 20.23 -6.45
CA ALA C 12 24.08 19.30 -7.50
C ALA C 12 22.86 18.46 -7.08
N GLY C 13 22.58 18.41 -5.81
CA GLY C 13 21.48 17.58 -5.29
C GLY C 13 21.87 16.13 -5.12
N GLN C 14 20.97 15.40 -4.46
CA GLN C 14 21.16 13.99 -4.02
C GLN C 14 20.30 13.14 -4.95
N VAL C 15 20.93 12.37 -5.84
CA VAL C 15 20.20 11.41 -6.70
C VAL C 15 19.69 10.27 -5.81
N THR C 16 18.42 9.94 -5.98
CA THR C 16 17.82 8.79 -5.30
C THR C 16 17.78 7.59 -6.22
N SER C 17 17.37 6.45 -5.67
CA SER C 17 17.11 5.20 -6.41
C SER C 17 15.70 5.16 -7.03
N ILE C 18 14.87 6.16 -6.79
CA ILE C 18 13.46 6.13 -7.26
C ILE C 18 13.43 6.67 -8.68
N ILE C 19 12.94 5.86 -9.60
CA ILE C 19 12.62 6.30 -10.98
C ILE C 19 11.11 6.50 -11.02
N TYR C 20 10.71 7.75 -11.15
CA TYR C 20 9.28 8.10 -11.26
C TYR C 20 8.78 7.78 -12.65
N ASN C 21 7.80 6.88 -12.75
CA ASN C 21 7.24 6.46 -14.05
C ASN C 21 5.83 7.00 -14.19
N PRO C 22 5.35 7.14 -15.45
CA PRO C 22 3.99 7.60 -15.66
C PRO C 22 2.94 6.84 -14.88
N GLY C 23 2.08 7.57 -14.19
CA GLY C 23 0.99 7.02 -13.39
C GLY C 23 1.40 6.69 -11.97
N ASP C 24 2.68 6.84 -11.65
CA ASP C 24 3.11 6.51 -10.28
C ASP C 24 2.48 7.46 -9.27
N VAL C 25 2.16 6.90 -8.11
CA VAL C 25 1.72 7.68 -6.91
C VAL C 25 2.88 7.58 -5.95
N ILE C 26 3.34 8.67 -5.38
CA ILE C 26 4.46 8.58 -4.42
C ILE C 26 4.12 9.29 -3.11
N THR C 27 4.83 8.88 -2.07
CA THR C 27 4.84 9.59 -0.79
C THR C 27 6.26 9.97 -0.44
N ILE C 28 6.43 11.20 0.01
CA ILE C 28 7.74 11.68 0.53
C ILE C 28 7.50 12.26 1.89
N VAL C 29 8.34 11.92 2.86
CA VAL C 29 8.32 12.59 4.16
C VAL C 29 9.75 13.06 4.42
N ALA C 30 9.92 14.31 4.79
CA ALA C 30 11.25 14.93 5.03
C ALA C 30 11.31 15.48 6.46
N ALA C 31 12.47 15.37 7.10
CA ALA C 31 12.71 15.93 8.44
C ALA C 31 14.16 16.43 8.55
N GLY C 32 14.39 17.18 9.58
CA GLY C 32 15.74 17.68 9.92
C GLY C 32 15.89 19.19 9.83
N TRP C 33 17.15 19.63 9.88
CA TRP C 33 17.52 21.03 10.14
C TRP C 33 18.66 21.43 9.24
N ALA C 34 18.53 22.57 8.61
CA ALA C 34 19.52 23.08 7.65
C ALA C 34 19.51 24.58 7.63
N SER C 35 20.58 25.17 7.12
CA SER C 35 20.69 26.61 6.95
C SER C 35 21.30 26.92 5.58
N TYR C 36 20.86 28.00 5.02
CA TYR C 36 21.36 28.62 3.79
C TYR C 36 22.50 29.62 4.11
N GLY C 37 22.93 29.70 5.35
CA GLY C 37 24.09 30.56 5.71
C GLY C 37 24.01 31.10 7.13
N PRO C 38 22.88 31.64 7.60
CA PRO C 38 22.76 32.10 8.98
C PRO C 38 22.99 31.04 10.06
N THR C 39 23.26 31.46 11.30
CA THR C 39 23.54 30.46 12.37
C THR C 39 22.23 29.73 12.70
N GLN C 40 21.06 30.34 12.51
CA GLN C 40 19.75 29.66 12.68
C GLN C 40 19.67 28.47 11.72
N LYS C 41 18.83 27.48 12.05
CA LYS C 41 18.47 26.41 11.11
C LYS C 41 16.95 26.38 10.99
N TRP C 42 16.53 25.85 9.84
CA TRP C 42 15.10 25.73 9.49
C TRP C 42 14.81 24.29 9.08
N GLY C 43 13.55 23.90 9.18
CA GLY C 43 13.11 22.61 8.71
C GLY C 43 12.83 22.68 7.21
N PRO C 44 12.29 21.59 6.66
CA PRO C 44 12.23 21.40 5.24
C PRO C 44 11.24 22.30 4.46
N GLN C 45 10.47 23.13 5.17
CA GLN C 45 9.71 24.22 4.50
C GLN C 45 10.56 25.46 4.26
N GLY C 46 11.76 25.51 4.87
CA GLY C 46 12.62 26.68 4.75
C GLY C 46 12.22 27.79 5.66
N ASP C 47 12.59 29.00 5.25
CA ASP C 47 12.40 30.25 6.05
C ASP C 47 11.35 31.08 5.33
N ARG C 48 10.13 31.13 5.89
CA ARG C 48 8.98 31.83 5.23
C ARG C 48 9.23 33.33 5.15
N GLU C 49 10.15 33.86 5.96
CA GLU C 49 10.34 35.35 6.01
C GLU C 49 11.51 35.78 5.11
N HIS C 50 12.19 34.86 4.44
CA HIS C 50 13.36 35.24 3.63
C HIS C 50 12.95 35.56 2.21
N PRO C 51 13.47 36.66 1.62
CA PRO C 51 13.13 36.99 0.24
C PRO C 51 13.81 36.02 -0.70
N ASP C 52 13.22 35.88 -1.86
CA ASP C 52 13.74 35.11 -3.00
C ASP C 52 14.74 35.99 -3.75
N GLN C 53 16.01 35.64 -3.66
CA GLN C 53 17.11 36.39 -4.32
C GLN C 53 17.64 35.60 -5.50
N GLY C 54 16.80 34.76 -6.14
CA GLY C 54 17.20 33.97 -7.30
C GLY C 54 17.27 32.49 -6.99
N LEU C 55 16.28 32.00 -6.24
CA LEU C 55 16.29 30.56 -5.82
C LEU C 55 16.12 29.64 -7.02
N ILE C 56 16.56 28.40 -6.89
CA ILE C 56 16.37 27.35 -7.94
C ILE C 56 14.88 27.00 -8.05
N CYS C 57 14.10 27.21 -7.01
CA CYS C 57 12.64 26.95 -7.02
C CYS C 57 11.94 28.18 -6.49
N HIS C 58 11.26 28.91 -7.38
CA HIS C 58 10.56 30.14 -6.97
C HIS C 58 9.23 29.83 -6.26
N ASP C 59 8.79 28.58 -6.31
CA ASP C 59 7.54 28.17 -5.62
C ASP C 59 7.82 27.44 -4.28
N ALA C 60 8.96 27.69 -3.67
CA ALA C 60 9.28 27.22 -2.31
C ALA C 60 10.12 28.27 -1.61
N PHE C 61 10.14 28.29 -0.29
CA PHE C 61 10.97 29.27 0.47
C PHE C 61 12.43 28.89 0.34
N CYS C 62 13.28 29.88 0.57
CA CYS C 62 14.74 29.66 0.78
C CYS C 62 14.94 28.63 1.90
N GLY C 63 15.73 27.58 1.66
CA GLY C 63 15.97 26.55 2.67
C GLY C 63 15.00 25.41 2.63
N ALA C 64 14.04 25.45 1.69
CA ALA C 64 13.09 24.33 1.54
C ALA C 64 13.73 23.16 0.79
N LEU C 65 13.16 22.00 0.97
CA LEU C 65 13.46 20.84 0.13
C LEU C 65 12.67 20.88 -1.14
N VAL C 66 13.34 20.68 -2.26
CA VAL C 66 12.69 20.62 -3.58
C VAL C 66 13.25 19.42 -4.30
N MET C 67 12.79 19.14 -5.49
CA MET C 67 13.25 17.98 -6.26
C MET C 67 13.20 18.31 -7.74
N LYS C 68 13.85 17.43 -8.50
CA LYS C 68 13.64 17.32 -9.95
C LYS C 68 13.35 15.85 -10.21
N ILE C 69 12.50 15.62 -11.18
CA ILE C 69 12.21 14.25 -11.66
C ILE C 69 12.78 14.17 -13.09
N GLY C 70 13.80 13.36 -13.30
CA GLY C 70 14.61 13.40 -14.54
C GLY C 70 15.20 14.78 -14.64
N ASN C 71 15.03 15.42 -15.79
CA ASN C 71 15.54 16.80 -16.02
C ASN C 71 14.32 17.74 -16.00
N SER C 72 13.32 17.49 -15.15
CA SER C 72 12.16 18.43 -15.03
C SER C 72 12.69 19.73 -14.42
N GLY C 73 11.84 20.71 -14.35
CA GLY C 73 12.03 21.90 -13.53
C GLY C 73 11.94 21.51 -12.06
N THR C 74 12.34 22.41 -11.18
CA THR C 74 12.22 22.13 -9.73
C THR C 74 10.76 22.09 -9.32
N ILE C 75 10.49 21.16 -8.40
CA ILE C 75 9.15 20.89 -7.86
C ILE C 75 9.29 20.98 -6.33
N PRO C 76 8.44 21.75 -5.62
CA PRO C 76 8.55 21.85 -4.17
C PRO C 76 8.24 20.50 -3.53
N VAL C 77 9.01 20.14 -2.49
CA VAL C 77 8.70 18.99 -1.63
C VAL C 77 8.30 19.43 -0.22
N ASN C 78 9.06 20.33 0.38
CA ASN C 78 8.78 20.86 1.73
C ASN C 78 8.82 19.69 2.71
N THR C 79 7.87 19.57 3.63
CA THR C 79 7.81 18.44 4.57
C THR C 79 7.52 17.13 3.91
N GLY C 80 6.99 17.15 2.69
CA GLY C 80 6.63 15.94 1.98
C GLY C 80 5.37 16.09 1.13
N LEU C 81 5.11 15.00 0.44
CA LEU C 81 4.03 14.89 -0.56
C LEU C 81 3.30 13.62 -0.23
N PHE C 82 1.98 13.76 -0.07
CA PHE C 82 1.12 12.66 0.38
C PHE C 82 0.36 12.08 -0.82
N ARG C 83 0.73 10.87 -1.27
CA ARG C 83 -0.01 10.18 -2.36
C ARG C 83 -0.17 11.11 -3.53
N TRP C 84 0.96 11.53 -4.04
CA TRP C 84 1.13 12.58 -5.05
C TRP C 84 1.41 11.98 -6.43
N VAL C 85 0.82 12.59 -7.47
CA VAL C 85 1.13 12.27 -8.88
C VAL C 85 1.78 13.48 -9.56
N ALA C 86 2.80 13.25 -10.37
CA ALA C 86 3.61 14.31 -10.99
C ALA C 86 2.83 14.94 -12.15
N PRO C 87 3.31 16.13 -12.61
CA PRO C 87 2.82 16.80 -13.82
C PRO C 87 3.07 16.02 -15.11
N ASN C 88 2.40 16.43 -16.17
CA ASN C 88 2.37 15.65 -17.42
C ASN C 88 3.79 15.55 -17.98
N ASN C 89 4.20 14.37 -18.45
CA ASN C 89 5.44 14.13 -19.22
C ASN C 89 6.64 14.17 -18.26
N VAL C 90 6.42 14.19 -16.94
CA VAL C 90 7.55 14.23 -15.98
C VAL C 90 7.87 12.78 -15.62
N GLN C 91 9.13 12.37 -15.73
CA GLN C 91 9.55 10.98 -15.46
C GLN C 91 11.06 10.94 -15.35
N GLY C 92 11.54 9.98 -14.62
CA GLY C 92 12.99 9.80 -14.44
C GLY C 92 13.37 9.77 -13.00
N ALA C 93 14.66 9.72 -12.75
CA ALA C 93 15.17 9.60 -11.38
C ALA C 93 14.79 10.85 -10.60
N ILE C 94 14.41 10.64 -9.36
CA ILE C 94 14.18 11.78 -8.44
C ILE C 94 15.55 12.18 -7.89
N THR C 95 15.83 13.50 -8.03
CA THR C 95 16.97 14.16 -7.37
C THR C 95 16.42 15.15 -6.36
N LEU C 96 16.86 15.04 -5.13
CA LEU C 96 16.47 15.96 -4.04
C LEU C 96 17.46 17.10 -3.97
N ILE C 97 16.98 18.30 -3.78
CA ILE C 97 17.90 19.47 -3.73
C ILE C 97 17.44 20.44 -2.67
N TYR C 98 18.38 21.04 -1.94
CA TYR C 98 18.10 22.18 -1.05
C TYR C 98 17.88 23.43 -1.89
N ASN C 99 16.86 24.24 -1.53
CA ASN C 99 16.51 25.48 -2.29
C ASN C 99 17.36 26.64 -1.81
N ASP C 100 18.38 26.98 -2.63
CA ASP C 100 19.16 28.19 -2.39
C ASP C 100 19.47 28.82 -3.76
N VAL C 101 20.17 29.96 -3.73
CA VAL C 101 20.58 30.68 -4.96
C VAL C 101 21.81 30.01 -5.53
N PRO C 102 21.84 29.69 -6.83
CA PRO C 102 23.02 29.12 -7.45
C PRO C 102 24.29 29.94 -7.17
N GLY C 103 25.33 29.19 -6.82
CA GLY C 103 26.66 29.72 -6.48
C GLY C 103 26.77 30.13 -5.02
N THR C 104 25.69 29.99 -4.23
CA THR C 104 25.71 30.41 -2.82
C THR C 104 25.54 29.21 -1.87
N TYR C 105 25.80 28.00 -2.31
CA TYR C 105 25.64 26.79 -1.47
C TYR C 105 26.80 26.55 -0.52
N GLY C 106 27.94 27.23 -0.77
CA GLY C 106 29.16 26.94 0.00
C GLY C 106 29.05 27.22 1.47
N ASN C 107 28.21 28.17 1.90
CA ASN C 107 28.12 28.51 3.35
C ASN C 107 26.91 27.78 3.98
N ASN C 108 26.34 26.79 3.28
CA ASN C 108 25.18 26.06 3.85
C ASN C 108 25.59 24.99 4.85
N SER C 109 24.65 24.57 5.68
CA SER C 109 24.95 23.54 6.67
C SER C 109 23.73 22.71 6.99
N GLY C 110 23.94 21.55 7.56
CA GLY C 110 22.88 20.61 7.93
C GLY C 110 22.37 19.83 6.71
N SER C 111 21.22 19.21 6.89
CA SER C 111 20.72 18.20 5.94
C SER C 111 19.29 17.86 6.28
N PHE C 112 18.61 17.28 5.31
CA PHE C 112 17.31 16.69 5.62
C PHE C 112 17.37 15.20 5.39
N SER C 113 16.68 14.47 6.27
N SER C 113 16.67 14.47 6.26
N SER C 113 16.65 14.48 6.24
CA SER C 113 16.43 13.01 6.16
CA SER C 113 16.44 13.02 6.15
CA SER C 113 16.45 13.02 6.12
C SER C 113 15.13 12.82 5.38
C SER C 113 15.13 12.81 5.39
C SER C 113 15.14 12.82 5.37
N VAL C 114 15.14 11.97 4.37
CA VAL C 114 13.99 11.84 3.45
C VAL C 114 13.67 10.38 3.22
N ASN C 115 12.40 10.08 3.27
CA ASN C 115 11.84 8.78 2.86
C ASN C 115 11.01 9.01 1.59
N ILE C 116 11.17 8.13 0.60
CA ILE C 116 10.33 8.13 -0.61
C ILE C 116 9.82 6.73 -0.81
N GLY C 117 8.53 6.60 -1.09
CA GLY C 117 8.00 5.34 -1.54
C GLY C 117 6.89 5.49 -2.53
N LYS C 118 6.68 4.43 -3.28
CA LYS C 118 5.55 4.37 -4.25
C LYS C 118 4.35 3.74 -3.58
N ASP C 119 3.21 4.27 -3.96
CA ASP C 119 1.89 3.94 -3.36
C ASP C 119 1.06 3.09 -4.34
N GLN C 120 -0.05 2.58 -3.83
CA GLN C 120 -1.01 1.80 -4.64
C GLN C 120 -1.51 2.64 -5.79
N SER C 121 -1.79 2.02 -6.92
CA SER C 121 -2.52 2.64 -8.04
C SER C 121 -3.31 1.57 -8.81
N ALA D 1 -8.57 7.71 4.27
CA ALA D 1 -7.60 8.77 4.64
C ALA D 1 -8.34 9.96 5.25
N TRP D 2 -7.62 10.84 5.90
CA TRP D 2 -8.14 12.00 6.62
C TRP D 2 -7.28 13.18 6.21
N LYS D 3 -7.86 14.33 6.02
CA LYS D 3 -7.12 15.58 5.74
C LYS D 3 -7.75 16.69 6.57
N GLY D 4 -6.98 17.47 7.28
CA GLY D 4 -7.52 18.56 8.06
C GLY D 4 -6.47 19.36 8.74
N GLU D 5 -6.87 20.15 9.70
CA GLU D 5 -5.98 21.15 10.31
C GLU D 5 -6.03 21.04 11.82
N VAL D 6 -4.93 21.40 12.49
CA VAL D 6 -4.86 21.45 13.97
C VAL D 6 -4.31 22.80 14.35
N LEU D 7 -5.04 23.45 15.25
CA LEU D 7 -4.67 24.80 15.67
C LEU D 7 -3.63 24.73 16.76
N ALA D 8 -2.70 25.68 16.73
CA ALA D 8 -1.66 25.80 17.77
C ALA D 8 -2.28 26.20 19.11
N ASN D 9 -3.43 26.87 19.09
CA ASN D 9 -4.01 27.42 20.33
C ASN D 9 -4.97 26.41 21.00
N ASN D 10 -5.10 25.17 20.51
CA ASN D 10 -6.12 24.25 21.03
C ASN D 10 -5.47 23.18 21.92
N GLU D 11 -5.63 23.31 23.23
CA GLU D 11 -5.15 22.26 24.16
C GLU D 11 -5.81 20.92 23.89
N ALA D 12 -7.06 20.90 23.41
CA ALA D 12 -7.81 19.65 23.21
C ALA D 12 -7.34 18.95 21.95
N GLY D 13 -6.71 19.67 21.03
CA GLY D 13 -6.32 19.16 19.73
C GLY D 13 -7.51 18.79 18.82
N GLN D 14 -7.19 18.12 17.73
CA GLN D 14 -8.10 17.83 16.62
C GLN D 14 -8.28 16.33 16.56
N VAL D 15 -9.48 15.86 16.90
CA VAL D 15 -9.83 14.44 16.76
C VAL D 15 -10.07 14.13 15.29
N THR D 16 -9.39 13.14 14.77
CA THR D 16 -9.50 12.68 13.39
C THR D 16 -10.49 11.52 13.30
N SER D 17 -10.86 11.22 12.05
CA SER D 17 -11.64 10.03 11.72
C SER D 17 -10.79 8.79 11.57
N ILE D 18 -9.50 8.82 11.81
CA ILE D 18 -8.69 7.61 11.67
C ILE D 18 -8.72 6.89 13.04
N ILE D 19 -9.14 5.63 13.02
CA ILE D 19 -9.04 4.74 14.19
C ILE D 19 -7.82 3.87 13.96
N TYR D 20 -6.78 4.08 14.75
CA TYR D 20 -5.56 3.28 14.65
C TYR D 20 -5.81 1.96 15.38
N ASN D 21 -5.65 0.83 14.67
CA ASN D 21 -5.79 -0.51 15.22
C ASN D 21 -4.46 -1.22 15.25
N PRO D 22 -4.31 -2.20 16.15
CA PRO D 22 -3.06 -2.98 16.23
C PRO D 22 -2.61 -3.50 14.88
N GLY D 23 -1.35 -3.32 14.59
CA GLY D 23 -0.79 -3.76 13.35
C GLY D 23 -0.84 -2.73 12.24
N ASP D 24 -1.65 -1.68 12.40
CA ASP D 24 -1.85 -0.74 11.27
C ASP D 24 -0.51 -0.09 10.94
N VAL D 25 -0.25 0.13 9.66
CA VAL D 25 0.87 0.94 9.18
C VAL D 25 0.27 2.25 8.72
N ILE D 26 0.78 3.38 9.14
CA ILE D 26 0.20 4.66 8.73
C ILE D 26 1.28 5.56 8.14
N THR D 27 0.83 6.53 7.36
CA THR D 27 1.62 7.61 6.87
C THR D 27 0.93 8.90 7.27
N ILE D 28 1.71 9.81 7.80
CA ILE D 28 1.29 11.18 8.10
C ILE D 28 2.22 12.15 7.43
N VAL D 29 1.69 13.19 6.80
CA VAL D 29 2.49 14.34 6.31
C VAL D 29 1.88 15.57 6.90
N ALA D 30 2.64 16.41 7.52
CA ALA D 30 2.22 17.66 8.15
C ALA D 30 2.99 18.85 7.56
N ALA D 31 2.32 19.99 7.50
CA ALA D 31 2.91 21.22 6.95
C ALA D 31 2.31 22.42 7.66
N GLY D 32 2.91 23.57 7.47
CA GLY D 32 2.40 24.83 7.96
C GLY D 32 3.26 25.49 9.01
N TRP D 33 2.74 26.57 9.60
CA TRP D 33 3.50 27.51 10.42
C TRP D 33 2.72 27.82 11.69
N ALA D 34 3.42 27.79 12.80
CA ALA D 34 2.77 28.04 14.10
C ALA D 34 3.78 28.63 15.08
N SER D 35 3.23 29.31 16.09
CA SER D 35 4.04 29.84 17.18
C SER D 35 3.40 29.46 18.50
N TYR D 36 4.25 29.22 19.46
CA TYR D 36 3.91 29.00 20.88
C TYR D 36 3.96 30.35 21.62
N GLY D 37 4.18 31.46 20.93
CA GLY D 37 4.18 32.76 21.63
C GLY D 37 4.99 33.81 20.91
N PRO D 38 6.27 33.56 20.66
CA PRO D 38 7.11 34.55 19.97
C PRO D 38 6.62 34.96 18.57
N THR D 39 7.12 36.09 18.04
CA THR D 39 6.68 36.63 16.72
C THR D 39 7.09 35.62 15.61
N GLN D 40 8.16 34.90 15.80
CA GLN D 40 8.70 33.88 14.87
C GLN D 40 7.64 32.78 14.69
N LYS D 41 7.69 32.07 13.58
CA LYS D 41 6.88 30.82 13.46
C LYS D 41 7.83 29.69 13.11
N TRP D 42 7.39 28.52 13.46
CA TRP D 42 8.12 27.28 13.21
C TRP D 42 7.23 26.30 12.47
N GLY D 43 7.84 25.39 11.75
CA GLY D 43 7.13 24.26 11.17
C GLY D 43 6.82 23.19 12.20
N PRO D 44 6.33 22.04 11.73
CA PRO D 44 5.84 20.98 12.59
C PRO D 44 6.87 20.23 13.43
N GLN D 45 8.17 20.51 13.22
CA GLN D 45 9.18 20.00 14.15
C GLN D 45 9.31 20.90 15.36
N GLY D 46 8.74 22.09 15.34
CA GLY D 46 8.85 23.05 16.44
C GLY D 46 10.24 23.67 16.46
N ASP D 47 10.63 24.11 17.66
CA ASP D 47 11.82 24.98 17.86
C ASP D 47 12.88 24.14 18.58
N ARG D 48 13.91 23.72 17.83
CA ARG D 48 14.91 22.74 18.38
C ARG D 48 15.72 23.34 19.53
N GLU D 49 15.72 24.66 19.68
N GLU D 49 15.77 24.65 19.70
CA GLU D 49 16.54 25.34 20.71
CA GLU D 49 16.57 25.25 20.79
C GLU D 49 15.72 25.65 21.97
C GLU D 49 15.77 25.35 22.09
N HIS D 50 14.43 25.30 21.99
CA HIS D 50 13.59 25.68 23.14
C HIS D 50 13.66 24.69 24.29
N PRO D 51 13.73 25.16 25.55
CA PRO D 51 13.69 24.29 26.69
C PRO D 51 12.30 23.69 26.87
N ASP D 52 12.25 22.51 27.44
CA ASP D 52 11.00 21.88 27.89
C ASP D 52 10.64 22.42 29.27
N GLN D 53 9.56 23.19 29.36
CA GLN D 53 9.06 23.79 30.60
C GLN D 53 7.80 23.06 31.07
N GLY D 54 7.61 21.81 30.66
CA GLY D 54 6.43 21.01 31.02
C GLY D 54 5.53 20.80 29.82
N LEU D 55 6.14 20.40 28.72
CA LEU D 55 5.38 20.17 27.48
C LEU D 55 4.47 18.95 27.64
N ILE D 56 3.40 18.89 26.85
CA ILE D 56 2.54 17.66 26.82
C ILE D 56 3.30 16.48 26.20
N CYS D 57 4.36 16.72 25.43
CA CYS D 57 5.20 15.65 24.89
C CYS D 57 6.67 16.00 25.12
N HIS D 58 7.33 15.25 25.99
CA HIS D 58 8.75 15.49 26.33
C HIS D 58 9.67 15.00 25.22
N ASP D 59 9.18 14.22 24.28
CA ASP D 59 9.99 13.63 23.22
C ASP D 59 9.80 14.35 21.88
N ALA D 60 9.37 15.59 21.92
CA ALA D 60 9.31 16.46 20.76
C ALA D 60 9.59 17.86 21.24
N PHE D 61 9.99 18.70 20.33
CA PHE D 61 10.30 20.10 20.69
C PHE D 61 9.01 20.83 20.98
N CYS D 62 9.12 21.94 21.72
CA CYS D 62 8.04 22.92 21.84
C CYS D 62 7.67 23.45 20.43
N GLY D 63 6.36 23.46 20.13
CA GLY D 63 5.82 23.88 18.85
C GLY D 63 5.73 22.76 17.83
N ALA D 64 6.08 21.55 18.22
CA ALA D 64 5.98 20.37 17.32
C ALA D 64 4.55 19.89 17.24
N LEU D 65 4.29 19.12 16.19
CA LEU D 65 3.02 18.38 16.09
C LEU D 65 3.23 17.02 16.78
N VAL D 66 2.32 16.65 17.64
CA VAL D 66 2.27 15.37 18.32
C VAL D 66 0.86 14.79 18.23
N MET D 67 0.70 13.58 18.72
CA MET D 67 -0.60 12.93 18.63
C MET D 67 -0.83 11.99 19.79
N LYS D 68 -2.08 11.60 19.96
CA LYS D 68 -2.50 10.49 20.84
C LYS D 68 -3.28 9.51 20.00
N ILE D 69 -3.15 8.24 20.35
CA ILE D 69 -3.99 7.16 19.79
C ILE D 69 -4.88 6.70 20.92
N GLY D 70 -6.18 6.90 20.80
CA GLY D 70 -7.10 6.72 21.90
C GLY D 70 -6.62 7.52 23.08
N ASN D 71 -6.50 6.89 24.25
N ASN D 71 -6.50 6.86 24.23
CA ASN D 71 -6.10 7.62 25.48
CA ASN D 71 -6.14 7.53 25.50
C ASN D 71 -4.63 7.40 25.78
C ASN D 71 -4.67 7.24 25.79
N SER D 72 -3.80 7.14 24.76
CA SER D 72 -2.36 6.95 24.93
C SER D 72 -1.72 8.23 25.46
N GLY D 73 -0.46 8.10 25.82
CA GLY D 73 0.41 9.25 25.99
C GLY D 73 0.72 9.87 24.62
N THR D 74 1.34 11.01 24.65
CA THR D 74 1.67 11.74 23.42
C THR D 74 2.78 11.02 22.70
N ILE D 75 2.70 11.12 21.39
CA ILE D 75 3.63 10.46 20.43
C ILE D 75 4.08 11.53 19.45
N PRO D 76 5.38 11.71 19.19
CA PRO D 76 5.83 12.72 18.25
C PRO D 76 5.34 12.40 16.85
N VAL D 77 4.93 13.43 16.11
CA VAL D 77 4.65 13.32 14.67
C VAL D 77 5.66 14.18 13.87
N ASN D 78 5.86 15.41 14.28
CA ASN D 78 6.82 16.31 13.61
C ASN D 78 6.34 16.53 12.18
N THR D 79 7.20 16.44 11.17
CA THR D 79 6.82 16.62 9.75
C THR D 79 5.97 15.44 9.26
N GLY D 80 5.96 14.34 9.98
CA GLY D 80 5.17 13.18 9.61
C GLY D 80 5.78 11.88 9.95
N LEU D 81 5.10 10.83 9.61
CA LEU D 81 5.52 9.45 9.88
C LEU D 81 5.42 8.67 8.59
N PHE D 82 6.46 7.97 8.22
CA PHE D 82 6.54 7.21 6.96
C PHE D 82 6.37 5.73 7.24
N ARG D 83 5.22 5.16 6.91
CA ARG D 83 4.98 3.71 7.00
C ARG D 83 5.34 3.29 8.42
N TRP D 84 4.65 3.88 9.37
CA TRP D 84 4.96 3.77 10.82
C TRP D 84 3.94 2.86 11.51
N VAL D 85 4.40 2.08 12.49
CA VAL D 85 3.61 1.21 13.35
C VAL D 85 3.76 1.69 14.79
N ALA D 86 2.69 1.71 15.57
CA ALA D 86 2.71 2.25 16.94
C ALA D 86 3.48 1.32 17.85
N PRO D 87 4.50 1.85 18.57
CA PRO D 87 5.46 1.00 19.28
C PRO D 87 4.82 0.30 20.47
N ASN D 88 3.88 0.93 21.14
CA ASN D 88 3.16 0.33 22.28
C ASN D 88 1.87 -0.16 21.65
N ASN D 89 1.19 -1.12 22.26
CA ASN D 89 -0.05 -1.71 21.72
C ASN D 89 -1.27 -0.78 21.92
N VAL D 90 -1.19 0.41 21.38
CA VAL D 90 -2.26 1.44 21.48
C VAL D 90 -3.32 1.19 20.41
N GLN D 91 -4.52 1.69 20.70
N GLN D 91 -4.56 1.63 20.68
CA GLN D 91 -5.64 1.64 19.74
CA GLN D 91 -5.67 1.58 19.69
C GLN D 91 -6.58 2.82 19.98
C GLN D 91 -6.61 2.73 19.98
N GLY D 92 -7.21 3.27 18.92
CA GLY D 92 -8.25 4.28 19.04
C GLY D 92 -8.05 5.41 18.07
N ALA D 93 -8.93 6.41 18.18
CA ALA D 93 -8.90 7.58 17.30
C ALA D 93 -7.56 8.30 17.45
N ILE D 94 -7.04 8.75 16.33
CA ILE D 94 -5.87 9.67 16.34
C ILE D 94 -6.37 11.08 16.67
N THR D 95 -5.80 11.67 17.71
CA THR D 95 -5.97 13.10 18.04
C THR D 95 -4.66 13.81 17.79
N LEU D 96 -4.69 14.84 16.99
CA LEU D 96 -3.49 15.68 16.67
C LEU D 96 -3.49 16.83 17.67
N ILE D 97 -2.31 17.19 18.17
CA ILE D 97 -2.18 18.25 19.20
C ILE D 97 -0.89 19.00 18.95
N TYR D 98 -0.94 20.30 19.13
CA TYR D 98 0.26 21.16 19.18
C TYR D 98 0.96 20.97 20.54
N ASN D 99 2.31 20.86 20.49
CA ASN D 99 3.13 20.64 21.71
C ASN D 99 3.47 21.97 22.39
N ASP D 100 2.73 22.26 23.46
CA ASP D 100 3.04 23.43 24.33
C ASP D 100 2.81 23.00 25.77
N VAL D 101 3.09 23.93 26.69
CA VAL D 101 2.83 23.69 28.14
C VAL D 101 1.35 23.98 28.40
N PRO D 102 0.64 23.07 29.09
CA PRO D 102 -0.76 23.33 29.44
C PRO D 102 -0.91 24.62 30.23
N GLY D 103 -1.92 25.37 29.90
CA GLY D 103 -2.23 26.69 30.48
C GLY D 103 -1.53 27.80 29.74
N THR D 104 -0.66 27.51 28.74
CA THR D 104 0.12 28.56 28.08
C THR D 104 -0.21 28.63 26.59
N TYR D 105 -1.36 28.07 26.20
CA TYR D 105 -1.76 28.04 24.77
C TYR D 105 -2.42 29.34 24.33
N GLY D 106 -2.71 30.27 25.25
CA GLY D 106 -3.44 31.49 24.91
C GLY D 106 -2.72 32.42 23.96
N ASN D 107 -1.40 32.41 23.98
CA ASN D 107 -0.59 33.29 23.10
C ASN D 107 -0.14 32.51 21.85
N ASN D 108 -0.69 31.35 21.60
CA ASN D 108 -0.31 30.55 20.40
C ASN D 108 -1.05 31.00 19.17
N SER D 109 -0.45 30.78 17.99
CA SER D 109 -1.10 31.18 16.74
C SER D 109 -0.65 30.23 15.62
N GLY D 110 -1.44 30.20 14.57
CA GLY D 110 -1.18 29.37 13.39
C GLY D 110 -1.72 27.99 13.61
N SER D 111 -1.32 27.11 12.71
CA SER D 111 -1.93 25.78 12.58
C SER D 111 -1.07 24.94 11.65
N PHE D 112 -1.29 23.63 11.71
CA PHE D 112 -0.68 22.72 10.74
C PHE D 112 -1.78 22.04 9.93
N SER D 113 -1.46 21.81 8.66
N SER D 113 -1.51 21.82 8.65
CA SER D 113 -2.29 21.04 7.71
CA SER D 113 -2.33 21.00 7.73
C SER D 113 -1.74 19.62 7.70
C SER D 113 -1.74 19.59 7.76
N VAL D 114 -2.60 18.62 7.85
CA VAL D 114 -2.16 17.22 8.04
C VAL D 114 -2.94 16.28 7.17
N ASN D 115 -2.25 15.34 6.53
CA ASN D 115 -2.85 14.18 5.85
C ASN D 115 -2.48 12.91 6.61
N ILE D 116 -3.39 12.01 6.78
CA ILE D 116 -3.19 10.69 7.44
C ILE D 116 -3.81 9.63 6.56
N GLY D 117 -3.09 8.57 6.33
CA GLY D 117 -3.67 7.41 5.66
C GLY D 117 -3.12 6.12 6.16
N LYS D 118 -3.86 5.04 5.97
CA LYS D 118 -3.40 3.68 6.26
C LYS D 118 -2.74 3.07 5.04
N ASP D 119 -1.63 2.37 5.31
CA ASP D 119 -0.79 1.81 4.26
C ASP D 119 -1.01 0.31 4.13
N GLN D 120 -0.39 -0.27 3.12
CA GLN D 120 -0.46 -1.75 3.02
C GLN D 120 0.32 -2.35 4.19
N SER D 121 -0.12 -3.49 4.68
CA SER D 121 0.53 -4.22 5.79
C SER D 121 0.31 -5.73 5.65
#